data_6CUH
#
_entry.id   6CUH
#
_cell.length_a   49.616
_cell.length_b   76.876
_cell.length_c   119.950
_cell.angle_alpha   90.000
_cell.angle_beta   90.000
_cell.angle_gamma   90.000
#
_symmetry.space_group_name_H-M   'P 21 21 21'
#
loop_
_entity.id
_entity.type
_entity.pdbx_description
1 polymer 'T-cell Receptor alpha variable, TRAV 9-2. BC8B TCR'
2 polymer 'T-cell Receptor beta variable, TRBV 6-2. BC8B TCR'
3 non-polymer DI(HYDROXYETHYL)ETHER
4 non-polymer 'PHOSPHATE ION'
5 non-polymer 'ACETATE ION'
6 non-polymer 1,2-ETHANEDIOL
7 water water
#
loop_
_entity_poly.entity_id
_entity_poly.type
_entity_poly.pdbx_seq_one_letter_code
_entity_poly.pdbx_strand_id
1 'polypeptide(L)'
;GNSVTQMEGPVTLSEEAFLTINCTYTATGYPSLFWYVQYPGEGLQLLLKATKADDKGSNKGFEATYRKETTSFHLEKGSV
QVSDSAVYFCALTPSGGYQKVTFGTGTKLQVIPNIQNPDPAVYQLRDSKSSDKSVCLFTDFDSQTNVSQSKDSDVYITDK
CVLDMRSMDFKSNSAVAWSNKSDFACANAFNNSIIPEDTFFPSPESS
;
A
2 'polypeptide(L)'
;NAGVTQTPKFRVLKTGQSMTLLCAQDMNHEYMYWYRQDPGMGLRLIHYSVGEGTTAKGEVPDGYNVSRLKKQNFLLGLES
AAPSQTSVYFCASSMPGLRSSYEQYFGPGTRLTVTEDLKNVFPPEVAVFEPSEAEISHTQKATLVCLATGFYPDHVELSW
WVNGKEVHSGVCTDPQPLKEQPALNDSRYALSSRLRVSATFWQNPRNHFRCQVQFYGLSENDEWTQDRAKPVTQIVSAEA
WGRAD
;
B
#
loop_
_chem_comp.id
_chem_comp.type
_chem_comp.name
_chem_comp.formula
ACT non-polymer 'ACETATE ION' 'C2 H3 O2 -1'
EDO non-polymer 1,2-ETHANEDIOL 'C2 H6 O2'
PEG non-polymer DI(HYDROXYETHYL)ETHER 'C4 H10 O3'
PO4 non-polymer 'PHOSPHATE ION' 'O4 P -3'
#
# COMPACT_ATOMS: atom_id res chain seq x y z
N ASN A 2 -25.63 -15.93 -4.37
CA ASN A 2 -24.87 -15.64 -3.15
C ASN A 2 -24.36 -14.22 -3.12
N SER A 3 -24.49 -13.58 -1.95
CA SER A 3 -24.04 -12.20 -1.74
C SER A 3 -23.46 -12.02 -0.34
N VAL A 4 -22.56 -11.03 -0.22
CA VAL A 4 -21.93 -10.63 1.05
C VAL A 4 -22.05 -9.10 1.12
N THR A 5 -22.63 -8.60 2.20
CA THR A 5 -22.77 -7.16 2.43
C THR A 5 -22.09 -6.84 3.74
N GLN A 6 -21.02 -6.05 3.69
CA GLN A 6 -20.29 -5.67 4.88
C GLN A 6 -20.27 -4.15 5.01
N MET A 7 -19.95 -3.68 6.22
CA MET A 7 -19.86 -2.26 6.56
C MET A 7 -18.98 -1.52 5.54
N GLU A 8 -19.48 -0.38 5.04
CA GLU A 8 -18.79 0.42 4.03
C GLU A 8 -18.02 1.55 4.69
N GLY A 9 -17.38 2.39 3.84
CA GLY A 9 -16.63 3.57 4.25
C GLY A 9 -15.49 3.31 5.21
N PRO A 10 -14.51 4.23 5.32
CA PRO A 10 -13.42 3.98 6.28
C PRO A 10 -13.91 4.04 7.72
N VAL A 11 -13.32 3.20 8.56
CA VAL A 11 -13.57 3.14 9.99
C VAL A 11 -12.32 3.67 10.69
N THR A 12 -12.48 4.66 11.55
CA THR A 12 -11.37 5.22 12.30
C THR A 12 -11.62 4.97 13.78
N LEU A 13 -10.66 4.31 14.42
CA LEU A 13 -10.71 4.04 15.86
C LEU A 13 -9.44 4.46 16.51
N SER A 14 -9.51 4.77 17.79
CA SER A 14 -8.30 5.08 18.53
C SER A 14 -7.73 3.76 19.05
N GLU A 15 -6.43 3.74 19.27
CA GLU A 15 -5.67 2.63 19.85
C GLU A 15 -6.38 2.10 21.12
N GLU A 16 -6.56 0.77 21.24
CA GLU A 16 -7.16 0.01 22.35
C GLU A 16 -8.72 0.05 22.38
N ALA A 17 -9.35 0.68 21.36
CA ALA A 17 -10.80 0.73 21.28
C ALA A 17 -11.36 -0.63 20.80
N PHE A 18 -12.65 -0.87 21.09
CA PHE A 18 -13.34 -2.07 20.65
C PHE A 18 -13.70 -1.93 19.16
N LEU A 19 -13.44 -2.98 18.38
CA LEU A 19 -13.76 -2.98 16.95
C LEU A 19 -14.89 -3.92 16.66
N THR A 20 -15.82 -3.49 15.80
CA THR A 20 -16.88 -4.33 15.27
C THR A 20 -17.07 -3.99 13.78
N ILE A 21 -16.87 -4.99 12.89
CA ILE A 21 -17.07 -4.84 11.45
C ILE A 21 -18.20 -5.78 11.08
N ASN A 22 -19.35 -5.20 10.76
CA ASN A 22 -20.53 -5.98 10.44
C ASN A 22 -20.44 -6.58 9.05
N CYS A 23 -20.88 -7.83 8.95
CA CYS A 23 -20.96 -8.61 7.73
C CYS A 23 -22.19 -9.48 7.77
N THR A 24 -23.05 -9.33 6.75
CA THR A 24 -24.25 -10.13 6.56
C THR A 24 -24.19 -10.78 5.19
N TYR A 25 -24.75 -11.98 5.08
CA TYR A 25 -24.74 -12.71 3.81
C TYR A 25 -26.14 -13.18 3.42
N THR A 26 -26.26 -13.66 2.19
CA THR A 26 -27.44 -14.31 1.61
C THR A 26 -26.86 -15.52 0.90
N ALA A 27 -27.16 -16.74 1.36
CA ALA A 27 -26.60 -17.93 0.75
C ALA A 27 -27.64 -19.02 0.50
N THR A 28 -27.38 -19.85 -0.52
CA THR A 28 -28.24 -20.94 -0.97
C THR A 28 -28.35 -22.06 0.09
N GLY A 29 -27.22 -22.62 0.53
CA GLY A 29 -27.20 -23.69 1.51
C GLY A 29 -26.55 -23.38 2.84
N TYR A 30 -25.46 -24.09 3.16
CA TYR A 30 -24.68 -23.92 4.40
C TYR A 30 -23.22 -23.62 4.01
N PRO A 31 -22.92 -22.34 3.66
CA PRO A 31 -21.58 -22.00 3.17
C PRO A 31 -20.51 -21.89 4.24
N SER A 32 -19.24 -21.86 3.83
CA SER A 32 -18.11 -21.61 4.70
C SER A 32 -17.85 -20.10 4.70
N LEU A 33 -17.62 -19.49 5.87
CA LEU A 33 -17.45 -18.04 5.98
C LEU A 33 -16.02 -17.68 6.35
N PHE A 34 -15.54 -16.52 5.84
CA PHE A 34 -14.16 -16.10 6.05
C PHE A 34 -14.00 -14.60 6.23
N TRP A 35 -12.87 -14.23 6.83
CA TRP A 35 -12.37 -12.87 6.91
C TRP A 35 -10.97 -12.90 6.33
N TYR A 36 -10.72 -12.03 5.37
CA TYR A 36 -9.41 -11.83 4.78
C TYR A 36 -8.93 -10.46 5.22
N VAL A 37 -7.63 -10.28 5.37
CA VAL A 37 -7.05 -9.01 5.76
C VAL A 37 -6.00 -8.61 4.70
N GLN A 38 -5.99 -7.34 4.33
CA GLN A 38 -5.06 -6.79 3.36
C GLN A 38 -4.29 -5.63 4.01
N TYR A 39 -3.03 -5.89 4.40
CA TYR A 39 -2.16 -4.86 4.97
C TYR A 39 -1.67 -3.97 3.84
N PRO A 40 -1.41 -2.66 4.11
CA PRO A 40 -1.02 -1.75 3.02
C PRO A 40 0.15 -2.28 2.18
N GLY A 41 -0.02 -2.22 0.87
CA GLY A 41 0.97 -2.65 -0.12
C GLY A 41 1.14 -4.15 -0.25
N GLU A 42 0.19 -4.94 0.29
CA GLU A 42 0.25 -6.41 0.24
C GLU A 42 -1.03 -6.99 -0.40
N GLY A 43 -1.01 -8.30 -0.59
CA GLY A 43 -2.16 -9.05 -1.07
C GLY A 43 -3.02 -9.48 0.12
N LEU A 44 -4.15 -10.09 -0.16
CA LEU A 44 -5.05 -10.59 0.85
C LEU A 44 -4.46 -11.85 1.50
N GLN A 45 -4.82 -12.08 2.74
CA GLN A 45 -4.38 -13.27 3.47
C GLN A 45 -5.48 -13.66 4.38
N LEU A 46 -5.69 -14.96 4.55
CA LEU A 46 -6.75 -15.40 5.43
C LEU A 46 -6.51 -14.90 6.85
N LEU A 47 -7.52 -14.25 7.41
CA LEU A 47 -7.44 -13.80 8.80
C LEU A 47 -8.04 -14.91 9.66
N LEU A 48 -9.31 -15.27 9.41
CA LEU A 48 -10.02 -16.31 10.16
C LEU A 48 -11.19 -16.85 9.35
N LYS A 49 -11.73 -18.01 9.78
CA LYS A 49 -12.86 -18.63 9.12
C LYS A 49 -13.72 -19.47 10.09
N ALA A 50 -14.91 -19.85 9.61
CA ALA A 50 -15.87 -20.69 10.31
C ALA A 50 -16.57 -21.54 9.24
N THR A 51 -16.37 -22.86 9.33
CA THR A 51 -16.90 -23.84 8.37
C THR A 51 -18.40 -24.10 8.60
N LYS A 52 -18.85 -24.10 9.86
CA LYS A 52 -20.25 -24.41 10.15
C LYS A 52 -20.90 -23.40 11.12
N ALA A 53 -22.24 -23.42 11.19
CA ALA A 53 -23.04 -22.55 12.07
C ALA A 53 -22.63 -22.72 13.52
N ASP A 54 -22.55 -21.58 14.25
CA ASP A 54 -22.15 -21.44 15.66
C ASP A 54 -20.62 -21.65 15.87
N ASP A 55 -19.85 -21.89 14.78
CA ASP A 55 -18.40 -22.00 14.87
C ASP A 55 -17.81 -20.59 15.01
N LYS A 56 -16.66 -20.50 15.69
CA LYS A 56 -16.01 -19.22 15.94
C LYS A 56 -14.55 -19.27 15.52
N GLY A 57 -14.20 -18.40 14.59
CA GLY A 57 -12.83 -18.26 14.11
C GLY A 57 -12.14 -17.17 14.90
N SER A 58 -10.89 -17.40 15.29
CA SER A 58 -10.11 -16.43 16.07
C SER A 58 -8.65 -16.44 15.66
N ASN A 59 -8.08 -15.23 15.52
CA ASN A 59 -6.68 -15.01 15.11
C ASN A 59 -6.32 -13.55 15.33
N LYS A 60 -5.07 -13.30 15.80
CA LYS A 60 -4.51 -11.95 16.04
C LYS A 60 -5.39 -11.09 16.98
N GLY A 61 -6.11 -11.72 17.89
CA GLY A 61 -6.99 -11.05 18.84
C GLY A 61 -8.39 -10.76 18.30
N PHE A 62 -8.62 -11.11 17.02
CA PHE A 62 -9.91 -10.96 16.33
C PHE A 62 -10.76 -12.21 16.49
N GLU A 63 -12.09 -12.06 16.42
CA GLU A 63 -13.02 -13.18 16.44
C GLU A 63 -14.30 -12.84 15.67
N ALA A 64 -14.92 -13.87 15.10
CA ALA A 64 -16.18 -13.78 14.37
C ALA A 64 -16.97 -15.06 14.58
N THR A 65 -18.28 -14.90 14.86
CA THR A 65 -19.16 -16.04 15.10
C THR A 65 -20.12 -16.14 13.94
N TYR A 66 -20.23 -17.36 13.43
CA TYR A 66 -21.11 -17.71 12.35
C TYR A 66 -22.52 -17.84 12.89
N ARG A 67 -23.31 -16.81 12.75
CA ARG A 67 -24.69 -16.83 13.27
C ARG A 67 -25.63 -17.14 12.09
N LYS A 68 -26.21 -18.35 12.08
CA LYS A 68 -27.13 -18.80 11.02
C LYS A 68 -28.49 -18.14 11.14
N GLU A 69 -28.91 -17.83 12.39
CA GLU A 69 -30.18 -17.19 12.75
C GLU A 69 -30.29 -15.77 12.18
N THR A 70 -29.15 -15.05 12.06
CA THR A 70 -29.14 -13.69 11.54
C THR A 70 -28.28 -13.55 10.26
N THR A 71 -27.85 -14.70 9.67
CA THR A 71 -27.00 -14.84 8.46
C THR A 71 -25.87 -13.81 8.53
N SER A 72 -25.05 -13.89 9.59
CA SER A 72 -24.01 -12.90 9.81
C SER A 72 -22.71 -13.50 10.31
N PHE A 73 -21.63 -12.75 10.09
CA PHE A 73 -20.27 -13.12 10.47
C PHE A 73 -19.51 -11.84 10.86
N HIS A 74 -20.02 -11.11 11.86
CA HIS A 74 -19.45 -9.85 12.33
C HIS A 74 -18.07 -10.06 12.93
N LEU A 75 -17.09 -9.25 12.50
CA LEU A 75 -15.73 -9.30 13.01
C LEU A 75 -15.59 -8.45 14.27
N GLU A 76 -14.87 -8.93 15.27
CA GLU A 76 -14.68 -8.19 16.48
C GLU A 76 -13.31 -8.37 17.10
N LYS A 77 -12.83 -7.31 17.73
CA LYS A 77 -11.56 -7.25 18.42
C LYS A 77 -11.74 -6.31 19.63
N GLY A 78 -11.37 -6.79 20.81
CA GLY A 78 -11.51 -6.05 22.05
C GLY A 78 -10.62 -4.82 22.18
N SER A 79 -9.36 -4.92 21.71
CA SER A 79 -8.40 -3.83 21.83
C SER A 79 -7.56 -3.70 20.54
N VAL A 80 -8.01 -2.83 19.61
CA VAL A 80 -7.31 -2.61 18.33
C VAL A 80 -5.95 -1.97 18.55
N GLN A 81 -5.00 -2.29 17.66
CA GLN A 81 -3.66 -1.73 17.69
C GLN A 81 -3.41 -1.00 16.37
N VAL A 82 -2.46 -0.04 16.35
CA VAL A 82 -2.13 0.72 15.13
C VAL A 82 -1.76 -0.27 14.00
N SER A 83 -1.05 -1.37 14.33
CA SER A 83 -0.65 -2.43 13.39
C SER A 83 -1.87 -3.13 12.75
N ASP A 84 -3.10 -2.91 13.29
CA ASP A 84 -4.31 -3.51 12.73
C ASP A 84 -4.88 -2.72 11.53
N SER A 85 -4.28 -1.56 11.22
CA SER A 85 -4.71 -0.74 10.08
C SER A 85 -4.54 -1.52 8.78
N ALA A 86 -5.67 -1.82 8.12
CA ALA A 86 -5.72 -2.65 6.92
C ALA A 86 -7.11 -2.62 6.31
N VAL A 87 -7.31 -3.35 5.21
CA VAL A 87 -8.62 -3.51 4.57
C VAL A 87 -9.09 -4.93 4.94
N TYR A 88 -10.31 -5.04 5.47
CA TYR A 88 -10.84 -6.33 5.90
C TYR A 88 -11.95 -6.74 4.97
N PHE A 89 -11.89 -8.00 4.51
CA PHE A 89 -12.84 -8.54 3.56
C PHE A 89 -13.58 -9.72 4.11
N CYS A 90 -14.90 -9.61 4.18
CA CYS A 90 -15.77 -10.73 4.55
C CYS A 90 -15.98 -11.54 3.29
N ALA A 91 -15.98 -12.89 3.39
CA ALA A 91 -16.12 -13.73 2.21
C ALA A 91 -16.84 -15.05 2.48
N LEU A 92 -17.40 -15.68 1.43
CA LEU A 92 -18.08 -16.96 1.54
C LEU A 92 -17.88 -17.81 0.28
N THR A 93 -17.90 -19.12 0.47
CA THR A 93 -17.79 -20.10 -0.60
C THR A 93 -18.58 -21.35 -0.18
N PRO A 94 -19.23 -22.09 -1.12
CA PRO A 94 -19.94 -23.33 -0.72
C PRO A 94 -18.95 -24.34 -0.11
N SER A 95 -19.43 -25.21 0.81
CA SER A 95 -18.62 -26.21 1.51
C SER A 95 -17.74 -27.05 0.57
N GLY A 96 -16.51 -27.33 1.00
CA GLY A 96 -15.53 -28.12 0.23
C GLY A 96 -14.48 -27.31 -0.50
N GLY A 97 -14.86 -26.10 -0.93
CA GLY A 97 -13.97 -25.18 -1.64
C GLY A 97 -13.84 -25.44 -3.12
N TYR A 98 -14.79 -26.23 -3.70
CA TYR A 98 -14.81 -26.60 -5.12
C TYR A 98 -15.42 -25.52 -6.03
N GLN A 99 -15.88 -24.39 -5.43
CA GLN A 99 -16.49 -23.28 -6.17
C GLN A 99 -15.80 -21.95 -5.83
N LYS A 100 -16.03 -20.89 -6.63
CA LYS A 100 -15.42 -19.58 -6.41
C LYS A 100 -15.98 -18.88 -5.16
N VAL A 101 -15.15 -18.00 -4.58
CA VAL A 101 -15.43 -17.24 -3.38
C VAL A 101 -16.13 -15.93 -3.71
N THR A 102 -17.16 -15.57 -2.93
CA THR A 102 -17.89 -14.29 -2.99
C THR A 102 -17.30 -13.37 -1.90
N PHE A 103 -16.70 -12.26 -2.32
CA PHE A 103 -16.11 -11.28 -1.42
C PHE A 103 -17.03 -10.07 -1.19
N GLY A 104 -16.97 -9.52 0.02
CA GLY A 104 -17.61 -8.26 0.37
C GLY A 104 -16.75 -7.15 -0.22
N THR A 105 -17.21 -5.88 -0.20
CA THR A 105 -16.47 -4.76 -0.81
C THR A 105 -15.14 -4.43 -0.09
N GLY A 106 -15.03 -4.84 1.16
CA GLY A 106 -13.86 -4.53 1.98
C GLY A 106 -14.09 -3.30 2.83
N THR A 107 -13.63 -3.33 4.07
CA THR A 107 -13.73 -2.21 5.00
C THR A 107 -12.34 -1.78 5.37
N LYS A 108 -11.99 -0.52 5.06
CA LYS A 108 -10.71 0.06 5.46
C LYS A 108 -10.78 0.47 6.94
N LEU A 109 -9.81 -0.03 7.73
CA LEU A 109 -9.69 0.29 9.15
C LEU A 109 -8.42 1.10 9.38
N GLN A 110 -8.59 2.27 9.97
CA GLN A 110 -7.52 3.17 10.35
C GLN A 110 -7.48 3.26 11.86
N VAL A 111 -6.38 2.82 12.47
CA VAL A 111 -6.24 2.87 13.93
C VAL A 111 -5.25 3.98 14.23
N ILE A 112 -5.71 4.99 14.96
CA ILE A 112 -4.91 6.16 15.29
C ILE A 112 -4.35 6.05 16.73
N PRO A 113 -3.07 6.43 16.94
CA PRO A 113 -2.48 6.25 18.28
C PRO A 113 -3.02 7.22 19.33
N ASN A 114 -2.88 6.86 20.60
CA ASN A 114 -3.19 7.74 21.72
C ASN A 114 -1.90 8.45 22.07
N ILE A 115 -1.80 9.75 21.74
CA ILE A 115 -0.59 10.54 21.99
C ILE A 115 -0.66 11.03 23.43
N GLN A 116 0.18 10.48 24.32
CA GLN A 116 0.23 10.78 25.75
C GLN A 116 0.54 12.25 26.03
N ASN A 117 1.57 12.80 25.36
CA ASN A 117 2.00 14.19 25.56
C ASN A 117 2.03 14.97 24.23
N PRO A 118 0.86 15.34 23.64
CA PRO A 118 0.89 16.07 22.36
C PRO A 118 1.52 17.45 22.52
N ASP A 119 2.45 17.77 21.61
CA ASP A 119 3.19 19.02 21.60
C ASP A 119 3.36 19.45 20.15
N PRO A 120 2.26 19.91 19.49
CA PRO A 120 2.37 20.27 18.06
C PRO A 120 3.51 21.23 17.78
N ALA A 121 4.34 20.90 16.80
CA ALA A 121 5.47 21.75 16.49
C ALA A 121 5.72 21.75 15.02
N VAL A 122 6.16 22.90 14.49
CA VAL A 122 6.50 23.04 13.09
C VAL A 122 7.99 23.35 13.03
N TYR A 123 8.73 22.54 12.28
CA TYR A 123 10.18 22.67 12.14
C TYR A 123 10.59 22.86 10.70
N GLN A 124 11.72 23.56 10.48
CA GLN A 124 12.28 23.72 9.15
C GLN A 124 13.48 22.81 9.03
N LEU A 125 13.52 22.07 7.93
CA LEU A 125 14.59 21.13 7.62
C LEU A 125 15.30 21.56 6.34
N ARG A 126 16.63 21.69 6.41
CA ARG A 126 17.46 22.09 5.28
C ARG A 126 18.01 20.85 4.61
N ASP A 127 18.23 20.90 3.28
CA ASP A 127 18.79 19.76 2.54
C ASP A 127 20.25 19.57 2.93
N SER A 128 20.69 18.31 3.10
CA SER A 128 22.08 17.97 3.45
C SER A 128 23.05 18.47 2.37
N LYS A 129 22.63 18.34 1.09
CA LYS A 129 23.39 18.79 -0.08
C LYS A 129 23.01 20.22 -0.51
N SER A 130 21.87 20.74 0.00
CA SER A 130 21.25 22.06 -0.28
C SER A 130 20.65 22.09 -1.69
N ASP A 132 19.79 25.20 -2.25
CA ASP A 132 19.09 25.94 -1.19
C ASP A 132 17.62 25.48 -1.12
N LYS A 133 17.44 24.19 -0.81
CA LYS A 133 16.13 23.55 -0.70
C LYS A 133 15.76 23.31 0.76
N SER A 134 14.48 23.48 1.10
CA SER A 134 14.00 23.26 2.45
C SER A 134 12.58 22.67 2.48
N VAL A 135 12.24 22.10 3.61
CA VAL A 135 10.98 21.45 3.85
C VAL A 135 10.54 21.75 5.27
N CYS A 136 9.24 21.66 5.53
CA CYS A 136 8.59 21.88 6.83
C CYS A 136 8.08 20.58 7.35
N LEU A 137 8.22 20.38 8.65
CA LEU A 137 7.71 19.19 9.29
C LEU A 137 6.76 19.61 10.39
N PHE A 138 5.53 19.13 10.32
CA PHE A 138 4.54 19.30 11.37
C PHE A 138 4.55 18.00 12.14
N THR A 139 4.85 18.03 13.43
CA THR A 139 4.96 16.78 14.16
C THR A 139 4.46 16.89 15.59
N ASP A 140 4.26 15.72 16.23
CA ASP A 140 3.91 15.52 17.65
C ASP A 140 2.56 16.14 18.06
N PHE A 141 1.62 16.18 17.13
CA PHE A 141 0.26 16.64 17.37
C PHE A 141 -0.62 15.42 17.77
N ASP A 142 -1.76 15.66 18.38
CA ASP A 142 -2.64 14.56 18.74
C ASP A 142 -3.40 14.02 17.53
N SER A 143 -3.92 12.81 17.65
CA SER A 143 -4.55 12.13 16.50
C SER A 143 -5.90 12.73 16.06
N GLN A 144 -6.46 13.67 16.82
CA GLN A 144 -7.73 14.31 16.45
C GLN A 144 -7.49 15.54 15.59
N THR A 145 -6.20 15.91 15.42
CA THR A 145 -5.78 17.04 14.60
C THR A 145 -5.93 16.66 13.13
N ASN A 146 -6.65 17.50 12.39
CA ASN A 146 -6.86 17.32 10.96
C ASN A 146 -5.84 18.17 10.25
N VAL A 147 -4.96 17.54 9.47
CA VAL A 147 -3.95 18.27 8.71
C VAL A 147 -4.67 18.78 7.46
N SER A 148 -4.74 20.11 7.30
CA SER A 148 -5.42 20.74 6.17
C SER A 148 -4.61 20.54 4.87
N GLN A 149 -5.34 20.35 3.76
CA GLN A 149 -4.78 20.20 2.42
C GLN A 149 -4.28 21.57 1.95
N SER A 150 -3.43 21.62 0.91
CA SER A 150 -2.87 22.88 0.43
C SER A 150 -3.95 23.85 -0.11
N ASP A 152 -3.00 25.48 -3.04
CA ASP A 152 -2.50 25.78 -4.39
C ASP A 152 -1.52 24.71 -4.88
N SER A 153 -1.25 24.68 -6.20
CA SER A 153 -0.38 23.70 -6.88
C SER A 153 1.14 24.01 -6.70
N ASP A 154 1.51 25.10 -5.99
CA ASP A 154 2.91 25.48 -5.75
C ASP A 154 3.40 25.03 -4.35
N VAL A 155 2.48 24.75 -3.41
CA VAL A 155 2.75 24.29 -2.04
C VAL A 155 2.18 22.88 -1.90
N TYR A 156 3.02 21.91 -1.52
CA TYR A 156 2.60 20.52 -1.38
C TYR A 156 2.58 20.12 0.08
N ILE A 157 1.46 19.51 0.54
CA ILE A 157 1.27 19.07 1.93
C ILE A 157 0.80 17.62 1.92
N THR A 158 1.55 16.74 2.60
CA THR A 158 1.17 15.32 2.69
C THR A 158 0.05 15.14 3.72
N ASP A 159 -0.57 13.95 3.76
CA ASP A 159 -1.51 13.64 4.83
C ASP A 159 -0.69 13.15 6.04
N LYS A 160 -1.31 13.03 7.22
CA LYS A 160 -0.60 12.60 8.41
C LYS A 160 -0.16 11.15 8.28
N CYS A 161 0.89 10.80 8.98
CA CYS A 161 1.44 9.49 8.94
C CYS A 161 1.95 9.18 10.35
N VAL A 162 1.82 7.93 10.78
CA VAL A 162 2.15 7.46 12.13
C VAL A 162 3.48 6.71 12.09
N LEU A 163 4.39 7.11 12.96
CA LEU A 163 5.72 6.56 13.11
C LEU A 163 5.86 5.89 14.49
N ASP A 164 6.44 4.67 14.58
CA ASP A 164 6.60 3.99 15.87
C ASP A 164 8.08 3.83 16.24
N MET A 165 8.53 4.63 17.23
CA MET A 165 9.87 4.58 17.82
C MET A 165 9.81 3.62 19.00
N ARG A 166 9.87 2.33 18.68
CA ARG A 166 9.84 1.21 19.59
C ARG A 166 10.88 1.26 20.68
N SER A 167 12.04 1.76 20.31
CA SER A 167 13.25 1.92 21.13
C SER A 167 12.91 2.73 22.38
N MET A 168 11.84 3.53 22.31
CA MET A 168 11.37 4.36 23.42
C MET A 168 9.87 4.17 23.67
N ASP A 169 9.23 3.09 23.12
CA ASP A 169 7.77 2.86 23.25
C ASP A 169 7.04 4.19 22.97
N PHE A 170 7.36 4.80 21.83
CA PHE A 170 6.83 6.12 21.52
C PHE A 170 6.30 6.16 20.10
N LYS A 171 5.14 6.77 19.90
CA LYS A 171 4.53 6.95 18.59
C LYS A 171 4.26 8.41 18.35
N SER A 172 4.39 8.84 17.10
CA SER A 172 4.09 10.22 16.78
C SER A 172 3.47 10.34 15.41
N ASN A 173 2.69 11.40 15.24
CA ASN A 173 2.07 11.80 13.98
C ASN A 173 2.93 12.85 13.33
N SER A 174 2.99 12.88 11.98
CA SER A 174 3.71 13.92 11.27
C SER A 174 3.13 14.12 9.88
N ALA A 175 3.36 15.32 9.34
CA ALA A 175 3.04 15.73 7.98
C ALA A 175 4.17 16.60 7.48
N VAL A 176 4.36 16.63 6.17
CA VAL A 176 5.48 17.35 5.53
C VAL A 176 4.90 18.34 4.53
N ALA A 177 5.46 19.56 4.51
CA ALA A 177 5.09 20.60 3.55
C ALA A 177 6.34 21.10 2.86
N TRP A 178 6.24 21.35 1.56
CA TRP A 178 7.35 21.90 0.79
C TRP A 178 6.83 22.73 -0.38
N SER A 179 7.62 23.73 -0.81
CA SER A 179 7.31 24.63 -1.92
C SER A 179 8.58 25.18 -2.58
N ASN A 180 8.43 25.71 -3.82
CA ASN A 180 9.53 26.32 -4.58
C ASN A 180 9.55 27.84 -4.46
N LYS A 181 8.40 28.45 -4.06
CA LYS A 181 8.22 29.89 -3.88
C LYS A 181 9.25 30.46 -2.91
N SER A 182 9.81 31.64 -3.25
CA SER A 182 10.81 32.36 -2.46
C SER A 182 10.21 32.84 -1.13
N ASP A 183 8.93 33.26 -1.16
CA ASP A 183 8.20 33.73 0.01
C ASP A 183 7.45 32.54 0.69
N PHE A 184 8.20 31.50 1.10
CA PHE A 184 7.61 30.34 1.76
C PHE A 184 8.16 30.15 3.18
N ALA A 185 7.28 30.34 4.17
CA ALA A 185 7.58 30.22 5.59
C ALA A 185 6.89 29.00 6.19
N CYS A 186 7.58 28.27 7.10
N CYS A 186 7.59 28.28 7.08
CA CYS A 186 7.06 27.09 7.79
CA CYS A 186 7.07 27.09 7.77
C CYS A 186 5.93 27.49 8.73
C CYS A 186 5.96 27.47 8.74
N ALA A 187 6.08 28.66 9.39
CA ALA A 187 5.14 29.24 10.34
C ALA A 187 3.68 29.30 9.79
N ASN A 188 3.52 29.30 8.47
CA ASN A 188 2.20 29.38 7.84
C ASN A 188 1.77 28.14 7.07
N ALA A 189 2.72 27.31 6.71
CA ALA A 189 2.50 26.06 5.97
C ALA A 189 1.32 25.20 6.47
N PHE A 190 1.17 25.03 7.79
CA PHE A 190 0.12 24.20 8.39
C PHE A 190 -0.83 25.06 9.25
N ALA B 2 1.10 -17.45 1.37
CA ALA B 2 2.24 -17.19 0.48
C ALA B 2 2.48 -18.38 -0.48
N GLY B 3 3.49 -18.26 -1.33
CA GLY B 3 3.85 -19.27 -2.31
C GLY B 3 3.35 -18.97 -3.72
N VAL B 4 2.56 -17.91 -3.86
CA VAL B 4 2.05 -17.49 -5.14
C VAL B 4 2.91 -16.33 -5.55
N THR B 5 3.45 -16.39 -6.75
CA THR B 5 4.34 -15.40 -7.33
C THR B 5 3.76 -14.70 -8.52
N GLN B 6 4.03 -13.43 -8.69
CA GLN B 6 3.53 -12.71 -9.82
C GLN B 6 4.68 -12.06 -10.58
N THR B 7 4.64 -12.13 -11.91
CA THR B 7 5.67 -11.58 -12.79
C THR B 7 5.00 -10.85 -13.97
N PRO B 8 5.29 -9.55 -14.20
CA PRO B 8 6.17 -8.67 -13.40
C PRO B 8 5.45 -8.11 -12.17
N LYS B 9 6.20 -7.47 -11.26
CA LYS B 9 5.60 -6.85 -10.06
C LYS B 9 5.07 -5.46 -10.41
N PHE B 10 5.64 -4.82 -11.45
CA PHE B 10 5.23 -3.50 -11.93
C PHE B 10 5.45 -3.48 -13.43
N ARG B 11 4.64 -2.69 -14.13
CA ARG B 11 4.67 -2.52 -15.57
C ARG B 11 4.04 -1.22 -16.08
N VAL B 12 4.71 -0.49 -16.94
CA VAL B 12 4.12 0.71 -17.52
C VAL B 12 3.98 0.37 -19.01
N LEU B 13 2.83 0.71 -19.58
CA LEU B 13 2.49 0.38 -20.95
C LEU B 13 1.90 1.54 -21.70
N LYS B 14 2.19 1.61 -22.99
CA LYS B 14 1.60 2.59 -23.88
C LYS B 14 0.22 2.06 -24.30
N THR B 15 -0.78 2.94 -24.45
CA THR B 15 -2.14 2.57 -24.89
C THR B 15 -2.06 1.83 -26.23
N GLY B 16 -2.78 0.73 -26.34
CA GLY B 16 -2.82 -0.12 -27.51
C GLY B 16 -1.80 -1.23 -27.50
N GLN B 17 -0.84 -1.19 -26.56
CA GLN B 17 0.19 -2.23 -26.51
C GLN B 17 -0.28 -3.46 -25.73
N SER B 18 0.33 -4.62 -26.04
CA SER B 18 0.05 -5.93 -25.47
C SER B 18 1.00 -6.26 -24.32
N MET B 19 0.56 -7.17 -23.41
CA MET B 19 1.33 -7.67 -22.27
C MET B 19 0.71 -8.94 -21.67
N THR B 20 1.52 -9.71 -20.94
CA THR B 20 1.11 -10.93 -20.26
C THR B 20 1.59 -10.90 -18.80
N LEU B 21 0.65 -11.10 -17.87
CA LEU B 21 0.90 -11.21 -16.45
C LEU B 21 0.98 -12.68 -16.14
N LEU B 22 2.05 -13.09 -15.50
CA LEU B 22 2.19 -14.50 -15.17
C LEU B 22 2.03 -14.72 -13.67
N CYS B 23 1.40 -15.81 -13.29
CA CYS B 23 1.20 -16.15 -11.92
C CYS B 23 1.62 -17.60 -11.78
N ALA B 24 2.53 -17.88 -10.87
CA ALA B 24 3.07 -19.22 -10.62
C ALA B 24 2.80 -19.72 -9.21
N GLN B 25 2.67 -21.02 -9.05
CA GLN B 25 2.42 -21.68 -7.77
C GLN B 25 2.91 -23.14 -7.74
N ASP B 26 3.62 -23.53 -6.70
CA ASP B 26 4.19 -24.87 -6.57
C ASP B 26 3.52 -25.65 -5.42
N MET B 27 2.28 -25.29 -5.07
CA MET B 27 1.53 -25.92 -3.99
C MET B 27 0.57 -27.00 -4.51
N ASN B 28 0.63 -27.27 -5.84
CA ASN B 28 -0.21 -28.23 -6.58
C ASN B 28 -1.72 -27.98 -6.34
N HIS B 29 -2.09 -26.69 -6.29
CA HIS B 29 -3.44 -26.15 -6.17
C HIS B 29 -4.12 -26.25 -7.53
N GLU B 30 -5.32 -26.83 -7.55
CA GLU B 30 -6.08 -27.00 -8.79
C GLU B 30 -6.67 -25.70 -9.29
N TYR B 31 -7.08 -24.80 -8.37
CA TYR B 31 -7.76 -23.55 -8.72
C TYR B 31 -6.88 -22.34 -8.69
N MET B 32 -6.98 -21.52 -9.72
CA MET B 32 -6.26 -20.28 -9.82
C MET B 32 -7.18 -19.16 -10.29
N TYR B 33 -6.93 -17.95 -9.80
CA TYR B 33 -7.76 -16.78 -10.05
C TYR B 33 -7.00 -15.52 -10.35
N TRP B 34 -7.60 -14.63 -11.10
CA TRP B 34 -7.04 -13.33 -11.41
C TRP B 34 -8.07 -12.26 -11.03
N TYR B 35 -7.66 -11.32 -10.21
CA TYR B 35 -8.48 -10.21 -9.70
C TYR B 35 -7.86 -8.88 -10.03
N ARG B 36 -8.66 -7.81 -10.01
CA ARG B 36 -8.17 -6.45 -10.12
C ARG B 36 -8.77 -5.66 -8.94
N GLN B 37 -7.99 -4.73 -8.39
CA GLN B 37 -8.42 -3.92 -7.26
C GLN B 37 -8.34 -2.45 -7.64
N ASP B 38 -9.46 -1.73 -7.45
CA ASP B 38 -9.65 -0.33 -7.77
C ASP B 38 -10.34 0.42 -6.61
N PRO B 39 -10.01 1.72 -6.39
CA PRO B 39 -10.66 2.47 -5.29
C PRO B 39 -12.19 2.55 -5.42
N GLY B 40 -12.86 2.07 -4.36
CA GLY B 40 -14.31 2.05 -4.26
C GLY B 40 -14.99 0.88 -4.95
N MET B 41 -14.20 0.04 -5.67
CA MET B 41 -14.75 -1.08 -6.43
C MET B 41 -14.44 -2.44 -5.78
N GLY B 42 -13.64 -2.44 -4.71
CA GLY B 42 -13.23 -3.65 -4.01
C GLY B 42 -12.38 -4.57 -4.87
N LEU B 43 -12.45 -5.87 -4.62
CA LEU B 43 -11.71 -6.90 -5.35
C LEU B 43 -12.65 -7.55 -6.35
N ARG B 44 -12.39 -7.39 -7.65
CA ARG B 44 -13.26 -7.93 -8.69
C ARG B 44 -12.56 -9.02 -9.49
N LEU B 45 -13.21 -10.19 -9.63
CA LEU B 45 -12.69 -11.32 -10.38
C LEU B 45 -12.73 -11.07 -11.89
N ILE B 46 -11.59 -11.30 -12.55
CA ILE B 46 -11.49 -11.15 -14.01
C ILE B 46 -11.86 -12.49 -14.68
N HIS B 47 -11.05 -13.51 -14.39
CA HIS B 47 -11.16 -14.90 -14.89
C HIS B 47 -10.67 -15.86 -13.82
N TYR B 48 -11.08 -17.12 -13.91
CA TYR B 48 -10.57 -18.13 -13.00
C TYR B 48 -10.42 -19.43 -13.76
N SER B 49 -9.71 -20.38 -13.16
CA SER B 49 -9.42 -21.69 -13.73
C SER B 49 -9.63 -22.75 -12.66
N VAL B 50 -10.37 -23.80 -13.00
CA VAL B 50 -10.65 -24.92 -12.10
C VAL B 50 -9.72 -26.12 -12.40
N GLY B 51 -8.73 -25.90 -13.25
CA GLY B 51 -7.77 -26.92 -13.63
C GLY B 51 -6.93 -26.66 -14.87
N GLU B 52 -5.94 -27.51 -15.11
CA GLU B 52 -5.06 -27.36 -16.27
C GLU B 52 -5.92 -27.34 -17.53
N GLY B 53 -5.75 -26.40 -18.41
CA GLY B 53 -6.58 -26.38 -19.60
C GLY B 53 -7.90 -25.63 -19.59
N THR B 54 -8.53 -25.45 -18.43
CA THR B 54 -9.82 -24.75 -18.32
C THR B 54 -9.69 -23.39 -17.77
N THR B 55 -10.53 -22.47 -18.23
CA THR B 55 -10.66 -21.08 -17.84
C THR B 55 -12.14 -20.73 -17.95
N ALA B 56 -12.61 -19.87 -17.07
CA ALA B 56 -13.99 -19.40 -17.06
C ALA B 56 -13.98 -17.92 -16.70
N LYS B 57 -15.04 -17.21 -17.09
CA LYS B 57 -15.17 -15.78 -16.90
C LYS B 57 -15.55 -15.40 -15.48
N GLY B 58 -14.98 -14.31 -14.99
CA GLY B 58 -15.32 -13.72 -13.70
C GLY B 58 -16.36 -12.63 -13.90
N GLU B 59 -16.32 -11.60 -13.05
CA GLU B 59 -17.22 -10.43 -13.09
C GLU B 59 -16.86 -9.44 -14.18
N VAL B 60 -15.54 -9.15 -14.38
CA VAL B 60 -15.05 -8.15 -15.33
C VAL B 60 -14.06 -8.78 -16.36
N PRO B 61 -14.51 -9.74 -17.21
CA PRO B 61 -13.55 -10.37 -18.13
C PRO B 61 -13.22 -9.57 -19.38
N ASP B 62 -14.03 -8.56 -19.75
CA ASP B 62 -13.83 -7.78 -20.98
C ASP B 62 -12.50 -7.01 -21.02
N GLY B 63 -11.75 -7.22 -22.10
CA GLY B 63 -10.44 -6.61 -22.33
C GLY B 63 -9.28 -7.49 -21.92
N TYR B 64 -9.58 -8.69 -21.39
CA TYR B 64 -8.59 -9.64 -20.90
C TYR B 64 -8.80 -11.03 -21.47
N ASN B 65 -7.71 -11.77 -21.60
CA ASN B 65 -7.72 -13.18 -21.99
C ASN B 65 -6.87 -13.95 -20.99
N VAL B 66 -7.16 -15.23 -20.77
CA VAL B 66 -6.37 -16.05 -19.84
C VAL B 66 -6.04 -17.38 -20.45
N SER B 67 -5.01 -18.02 -19.88
N SER B 67 -4.98 -18.03 -19.92
CA SER B 67 -4.53 -19.33 -20.29
CA SER B 67 -4.53 -19.35 -20.34
C SER B 67 -3.98 -20.10 -19.09
C SER B 67 -3.93 -20.12 -19.15
N ARG B 68 -4.27 -21.41 -19.04
CA ARG B 68 -3.80 -22.31 -17.99
C ARG B 68 -3.12 -23.47 -18.68
N LEU B 69 -1.97 -23.21 -19.32
CA LEU B 69 -1.16 -24.19 -20.04
C LEU B 69 -0.76 -25.35 -19.13
N LYS B 70 -0.25 -25.03 -17.93
CA LYS B 70 0.15 -25.99 -16.90
C LYS B 70 -0.59 -25.71 -15.59
N LYS B 71 -0.62 -26.68 -14.69
CA LYS B 71 -1.27 -26.56 -13.38
C LYS B 71 -0.59 -25.44 -12.54
N GLN B 72 0.74 -25.34 -12.63
CA GLN B 72 1.53 -24.37 -11.87
C GLN B 72 1.33 -22.90 -12.32
N ASN B 73 1.02 -22.67 -13.61
CA ASN B 73 0.92 -21.30 -14.14
C ASN B 73 -0.47 -20.88 -14.64
N PHE B 74 -0.83 -19.62 -14.35
CA PHE B 74 -2.07 -18.99 -14.81
C PHE B 74 -1.68 -17.64 -15.39
N LEU B 75 -1.88 -17.47 -16.70
CA LEU B 75 -1.48 -16.28 -17.46
C LEU B 75 -2.64 -15.36 -17.75
N LEU B 76 -2.43 -14.06 -17.58
CA LEU B 76 -3.41 -13.02 -17.85
C LEU B 76 -2.88 -12.13 -18.96
N GLY B 77 -3.59 -12.10 -20.07
CA GLY B 77 -3.19 -11.30 -21.22
C GLY B 77 -4.02 -10.05 -21.41
N LEU B 78 -3.35 -9.00 -21.87
CA LEU B 78 -3.97 -7.74 -22.26
C LEU B 78 -3.57 -7.54 -23.71
N GLU B 79 -4.51 -7.74 -24.66
CA GLU B 79 -4.21 -7.64 -26.10
C GLU B 79 -3.95 -6.20 -26.56
N SER B 80 -4.78 -5.24 -26.11
CA SER B 80 -4.67 -3.83 -26.46
C SER B 80 -4.95 -2.99 -25.22
N ALA B 81 -3.88 -2.63 -24.47
CA ALA B 81 -4.00 -1.90 -23.20
C ALA B 81 -4.73 -0.58 -23.35
N ALA B 82 -5.63 -0.30 -22.42
CA ALA B 82 -6.44 0.91 -22.38
C ALA B 82 -6.28 1.59 -21.03
N PRO B 83 -6.42 2.94 -20.93
CA PRO B 83 -6.21 3.60 -19.62
C PRO B 83 -7.14 3.10 -18.50
N SER B 84 -8.29 2.47 -18.82
CA SER B 84 -9.22 1.92 -17.82
C SER B 84 -8.63 0.65 -17.13
N GLN B 85 -7.60 0.04 -17.76
CA GLN B 85 -6.92 -1.15 -17.25
C GLN B 85 -5.75 -0.82 -16.30
N THR B 86 -5.58 0.48 -15.94
CA THR B 86 -4.61 0.91 -14.94
C THR B 86 -5.18 0.39 -13.61
N SER B 87 -4.47 -0.54 -12.95
CA SER B 87 -5.00 -1.18 -11.72
C SER B 87 -3.92 -1.96 -11.00
N VAL B 88 -4.30 -2.57 -9.86
CA VAL B 88 -3.45 -3.49 -9.12
C VAL B 88 -4.09 -4.86 -9.35
N TYR B 89 -3.33 -5.78 -9.88
CA TYR B 89 -3.80 -7.09 -10.18
C TYR B 89 -3.26 -8.11 -9.20
N PHE B 90 -4.13 -8.96 -8.67
CA PHE B 90 -3.75 -9.98 -7.74
C PHE B 90 -4.17 -11.34 -8.23
N CYS B 91 -3.29 -12.29 -8.08
CA CYS B 91 -3.53 -13.66 -8.44
C CYS B 91 -3.76 -14.46 -7.19
N ALA B 92 -4.46 -15.57 -7.28
CA ALA B 92 -4.68 -16.41 -6.12
C ALA B 92 -4.80 -17.86 -6.46
N SER B 93 -4.59 -18.75 -5.49
CA SER B 93 -4.75 -20.16 -5.76
C SER B 93 -5.35 -20.83 -4.55
N SER B 94 -5.99 -21.97 -4.77
CA SER B 94 -6.57 -22.77 -3.70
C SER B 94 -6.69 -24.23 -4.14
N MET B 95 -6.74 -25.12 -3.15
CA MET B 95 -6.86 -26.55 -3.34
C MET B 95 -8.14 -27.02 -2.64
N PRO B 96 -9.19 -27.37 -3.42
CA PRO B 96 -10.40 -27.90 -2.79
C PRO B 96 -10.19 -29.35 -2.32
N GLY B 97 -10.98 -29.76 -1.33
CA GLY B 97 -10.91 -31.11 -0.77
C GLY B 97 -10.70 -31.14 0.73
N SER B 101 -7.14 -27.27 4.06
CA SER B 101 -7.61 -25.89 4.05
C SER B 101 -7.70 -25.37 2.61
N TYR B 102 -8.91 -25.01 2.20
CA TYR B 102 -9.19 -24.57 0.84
C TYR B 102 -9.38 -23.06 0.65
N GLU B 103 -8.75 -22.25 1.49
CA GLU B 103 -8.82 -20.83 1.35
C GLU B 103 -7.93 -20.34 0.23
N GLN B 104 -8.16 -19.14 -0.27
CA GLN B 104 -7.30 -18.61 -1.32
C GLN B 104 -6.01 -18.02 -0.79
N TYR B 105 -4.92 -18.31 -1.47
CA TYR B 105 -3.61 -17.80 -1.16
C TYR B 105 -3.31 -16.81 -2.22
N PHE B 106 -2.97 -15.59 -1.87
CA PHE B 106 -2.74 -14.55 -2.82
C PHE B 106 -1.30 -14.19 -3.08
N GLY B 107 -1.07 -13.60 -4.23
CA GLY B 107 0.22 -13.10 -4.64
C GLY B 107 0.42 -11.70 -4.15
N PRO B 108 1.58 -11.09 -4.43
CA PRO B 108 1.80 -9.74 -3.84
C PRO B 108 1.13 -8.59 -4.59
N GLY B 109 0.66 -8.86 -5.81
CA GLY B 109 0.05 -7.84 -6.66
C GLY B 109 0.99 -7.26 -7.70
N THR B 110 0.42 -6.89 -8.84
CA THR B 110 1.10 -6.29 -9.98
C THR B 110 0.49 -4.92 -10.23
N ARG B 111 1.30 -3.87 -10.19
CA ARG B 111 0.81 -2.54 -10.45
C ARG B 111 1.04 -2.23 -11.92
N LEU B 112 -0.06 -2.02 -12.67
CA LEU B 112 -0.06 -1.74 -14.09
C LEU B 112 -0.54 -0.31 -14.34
N THR B 113 0.22 0.47 -15.15
CA THR B 113 -0.18 1.84 -15.53
C THR B 113 -0.16 1.92 -17.05
N VAL B 114 -1.28 2.37 -17.64
CA VAL B 114 -1.42 2.54 -19.09
C VAL B 114 -1.33 4.04 -19.38
N THR B 115 -0.31 4.45 -20.15
CA THR B 115 -0.07 5.85 -20.49
C THR B 115 -0.15 6.04 -22.02
N GLU B 116 -0.47 7.26 -22.47
CA GLU B 116 -0.61 7.59 -23.90
C GLU B 116 0.74 7.59 -24.63
N ASP B 117 1.84 7.95 -23.92
CA ASP B 117 3.19 8.02 -24.48
C ASP B 117 4.24 7.60 -23.44
N LEU B 118 5.21 6.75 -23.85
CA LEU B 118 6.31 6.30 -22.99
C LEU B 118 7.31 7.44 -22.68
N LYS B 119 7.19 8.59 -23.39
CA LYS B 119 7.98 9.80 -23.19
C LYS B 119 7.64 10.43 -21.83
N ASN B 120 6.43 10.13 -21.32
CA ASN B 120 5.89 10.60 -20.03
C ASN B 120 6.57 9.94 -18.82
N VAL B 121 7.22 8.78 -19.01
CA VAL B 121 7.90 8.01 -17.96
C VAL B 121 9.17 8.75 -17.48
N PHE B 122 9.27 8.99 -16.15
CA PHE B 122 10.41 9.69 -15.54
C PHE B 122 10.86 9.06 -14.23
N PRO B 123 12.18 8.89 -13.99
CA PRO B 123 12.62 8.40 -12.68
C PRO B 123 12.51 9.48 -11.59
N PRO B 124 12.52 9.14 -10.29
CA PRO B 124 12.46 10.21 -9.28
C PRO B 124 13.78 10.91 -9.03
N GLU B 125 13.70 12.16 -8.55
CA GLU B 125 14.77 12.97 -7.96
C GLU B 125 14.62 12.74 -6.46
N VAL B 126 15.69 12.35 -5.72
CA VAL B 126 15.58 12.06 -4.29
C VAL B 126 16.52 12.96 -3.49
N ALA B 127 15.98 13.57 -2.41
CA ALA B 127 16.75 14.41 -1.49
C ALA B 127 16.39 14.10 -0.03
N VAL B 128 17.39 14.22 0.88
CA VAL B 128 17.25 13.99 2.31
CA VAL B 128 17.26 14.02 2.31
C VAL B 128 17.44 15.34 3.01
N PHE B 129 16.57 15.63 3.97
CA PHE B 129 16.59 16.87 4.74
C PHE B 129 16.94 16.52 6.17
N GLU B 130 17.99 17.16 6.67
CA GLU B 130 18.58 16.90 7.98
C GLU B 130 17.68 17.42 9.09
N PRO B 131 17.72 16.76 10.27
CA PRO B 131 16.87 17.18 11.39
C PRO B 131 17.09 18.62 11.85
N SER B 132 16.03 19.25 12.35
CA SER B 132 16.01 20.60 12.88
C SER B 132 16.71 20.66 14.23
N GLU B 133 17.52 21.70 14.48
CA GLU B 133 18.20 21.88 15.76
C GLU B 133 17.18 22.21 16.86
N ALA B 134 16.06 22.86 16.48
CA ALA B 134 14.97 23.18 17.40
C ALA B 134 14.25 21.90 17.88
N GLU B 135 14.06 20.89 16.99
CA GLU B 135 13.45 19.61 17.38
C GLU B 135 14.31 18.84 18.39
N ILE B 136 15.58 18.78 18.08
CA ILE B 136 16.59 18.10 18.85
C ILE B 136 16.72 18.59 20.27
N SER B 137 16.83 19.90 20.42
CA SER B 137 16.98 20.56 21.72
C SER B 137 15.71 20.41 22.56
N HIS B 138 14.54 20.46 21.94
CA HIS B 138 13.29 20.38 22.68
C HIS B 138 12.83 18.93 23.00
N THR B 139 13.05 17.98 22.09
CA THR B 139 12.53 16.61 22.24
C THR B 139 13.58 15.51 22.48
N GLN B 140 14.87 15.79 22.17
CA GLN B 140 15.99 14.83 22.26
C GLN B 140 15.79 13.72 21.17
N LYS B 141 15.04 14.07 20.13
CA LYS B 141 14.73 13.22 18.98
C LYS B 141 15.06 13.99 17.72
N ALA B 142 15.31 13.27 16.62
CA ALA B 142 15.71 13.83 15.36
C ALA B 142 15.00 13.13 14.21
N THR B 143 14.23 13.91 13.41
CA THR B 143 13.51 13.40 12.26
C THR B 143 14.19 13.79 10.96
N LEU B 144 14.54 12.80 10.15
CA LEU B 144 15.09 13.02 8.82
C LEU B 144 13.95 12.88 7.89
N VAL B 145 13.93 13.67 6.81
CA VAL B 145 12.87 13.56 5.82
C VAL B 145 13.47 13.21 4.47
N CYS B 146 12.86 12.30 3.76
CA CYS B 146 13.27 11.93 2.43
C CYS B 146 12.17 12.39 1.49
N LEU B 147 12.52 13.04 0.40
CA LEU B 147 11.54 13.51 -0.57
C LEU B 147 11.92 13.02 -1.98
N ALA B 148 11.03 12.24 -2.61
CA ALA B 148 11.17 11.71 -3.97
C ALA B 148 10.18 12.45 -4.86
N THR B 149 10.65 13.14 -5.91
CA THR B 149 9.78 13.98 -6.74
C THR B 149 9.98 13.76 -8.24
N GLY B 150 9.03 14.24 -9.04
CA GLY B 150 9.02 14.19 -10.50
C GLY B 150 9.01 12.83 -11.13
N PHE B 151 8.43 11.82 -10.46
CA PHE B 151 8.45 10.50 -11.04
C PHE B 151 7.10 10.12 -11.66
N TYR B 152 7.16 9.32 -12.71
CA TYR B 152 6.02 8.79 -13.46
C TYR B 152 6.43 7.46 -14.08
N PRO B 153 5.67 6.36 -13.92
CA PRO B 153 4.40 6.24 -13.15
C PRO B 153 4.70 6.15 -11.64
N ASP B 154 3.66 6.09 -10.80
CA ASP B 154 3.83 6.02 -9.34
C ASP B 154 4.20 4.57 -8.90
N HIS B 155 5.25 4.03 -9.52
CA HIS B 155 5.76 2.68 -9.27
C HIS B 155 7.10 2.78 -8.53
N VAL B 156 7.04 3.10 -7.24
CA VAL B 156 8.22 3.28 -6.39
C VAL B 156 8.10 2.46 -5.10
N GLU B 157 9.27 2.13 -4.51
CA GLU B 157 9.45 1.47 -3.23
C GLU B 157 10.50 2.27 -2.47
N LEU B 158 10.08 3.04 -1.46
CA LEU B 158 10.99 3.85 -0.65
C LEU B 158 11.45 3.07 0.59
N SER B 159 12.75 3.13 0.92
CA SER B 159 13.25 2.44 2.12
C SER B 159 14.40 3.22 2.76
N TRP B 160 14.59 3.05 4.08
CA TRP B 160 15.65 3.70 4.82
C TRP B 160 16.72 2.69 5.18
N TRP B 161 17.97 3.09 5.08
CA TRP B 161 19.13 2.24 5.35
C TRP B 161 20.04 2.96 6.33
N VAL B 162 20.26 2.35 7.49
CA VAL B 162 21.11 2.92 8.53
C VAL B 162 22.24 1.94 8.76
N ASN B 163 23.47 2.40 8.47
CA ASN B 163 24.73 1.66 8.57
C ASN B 163 24.65 0.39 7.68
N GLY B 164 24.17 0.58 6.46
CA GLY B 164 24.01 -0.48 5.47
C GLY B 164 22.93 -1.51 5.73
N LYS B 165 22.11 -1.32 6.78
CA LYS B 165 21.02 -2.22 7.13
C LYS B 165 19.67 -1.53 6.98
N GLU B 166 18.70 -2.22 6.35
CA GLU B 166 17.36 -1.71 6.08
C GLU B 166 16.59 -1.59 7.40
N VAL B 167 16.10 -0.39 7.68
CA VAL B 167 15.40 0.00 8.90
C VAL B 167 13.89 0.01 8.66
N HIS B 168 13.10 -0.44 9.64
CA HIS B 168 11.64 -0.43 9.55
C HIS B 168 11.03 0.33 10.74
N SER B 169 11.64 0.21 11.95
CA SER B 169 11.18 0.94 13.14
C SER B 169 11.55 2.42 13.04
N GLY B 170 10.67 3.29 13.53
CA GLY B 170 10.85 4.74 13.51
C GLY B 170 10.70 5.36 12.13
N VAL B 171 10.10 4.64 11.19
CA VAL B 171 9.90 5.03 9.80
C VAL B 171 8.42 5.11 9.48
N CYS B 172 8.09 6.05 8.64
CA CYS B 172 6.75 6.20 8.10
C CYS B 172 6.80 6.90 6.73
N THR B 173 6.15 6.26 5.77
CA THR B 173 6.07 6.76 4.39
C THR B 173 4.63 7.03 4.11
N ASP B 174 4.36 8.10 3.32
CA ASP B 174 3.01 8.45 2.90
C ASP B 174 2.33 7.24 2.26
N PRO B 175 1.07 6.90 2.64
CA PRO B 175 0.39 5.75 2.02
C PRO B 175 0.22 5.92 0.52
N GLN B 176 0.06 7.17 0.06
CA GLN B 176 -0.13 7.45 -1.37
C GLN B 176 0.80 8.58 -1.85
N PRO B 177 1.41 8.48 -3.05
CA PRO B 177 2.18 9.63 -3.55
C PRO B 177 1.22 10.73 -3.97
N LEU B 178 1.64 12.01 -3.90
CA LEU B 178 0.72 13.07 -4.31
C LEU B 178 1.02 13.51 -5.74
N LYS B 179 -0.01 14.04 -6.43
CA LYS B 179 0.15 14.53 -7.80
C LYS B 179 0.76 15.93 -7.76
N GLU B 180 1.88 16.12 -8.48
CA GLU B 180 2.56 17.41 -8.56
C GLU B 180 1.74 18.42 -9.38
N GLN B 181 0.94 17.91 -10.35
CA GLN B 181 0.01 18.70 -11.16
C GLN B 181 -1.37 18.03 -11.05
N PRO B 182 -2.19 18.41 -10.05
CA PRO B 182 -3.50 17.74 -9.86
C PRO B 182 -4.45 17.83 -11.06
N ALA B 183 -4.41 18.95 -11.80
CA ALA B 183 -5.26 19.20 -12.96
C ALA B 183 -4.89 18.32 -14.18
N LEU B 184 -3.62 18.11 -14.39
CA LEU B 184 -3.16 17.42 -15.55
C LEU B 184 -3.24 15.91 -15.54
N ASN B 185 -3.29 15.35 -16.73
CA ASN B 185 -3.51 13.93 -16.99
C ASN B 185 -2.44 12.94 -16.66
N ASP B 186 -1.24 13.23 -17.10
CA ASP B 186 -0.12 12.36 -16.94
C ASP B 186 0.84 12.93 -15.91
N SER B 187 0.30 13.66 -14.97
CA SER B 187 1.07 14.30 -13.92
C SER B 187 2.17 13.45 -13.29
N ARG B 188 3.24 14.10 -12.88
CA ARG B 188 4.31 13.37 -12.20
C ARG B 188 3.95 13.34 -10.71
N TYR B 189 4.62 12.49 -9.92
CA TYR B 189 4.29 12.29 -8.51
C TYR B 189 5.42 12.69 -7.56
N ALA B 190 5.06 12.87 -6.28
CA ALA B 190 5.97 13.16 -5.17
C ALA B 190 5.59 12.30 -3.98
N LEU B 191 6.59 11.78 -3.26
CA LEU B 191 6.39 10.93 -2.08
C LEU B 191 7.40 11.30 -0.99
N SER B 192 6.94 11.44 0.24
CA SER B 192 7.84 11.72 1.34
C SER B 192 7.86 10.57 2.35
N SER B 193 8.95 10.49 3.07
CA SER B 193 9.13 9.52 4.14
C SER B 193 9.87 10.15 5.28
N ARG B 194 9.63 9.65 6.49
CA ARG B 194 10.34 10.18 7.64
C ARG B 194 10.95 9.06 8.44
N LEU B 195 12.12 9.34 9.00
CA LEU B 195 12.85 8.46 9.88
C LEU B 195 13.19 9.26 11.14
N ARG B 196 12.73 8.77 12.30
CA ARG B 196 13.00 9.44 13.56
C ARG B 196 13.86 8.58 14.46
N VAL B 197 15.00 9.13 14.89
CA VAL B 197 15.99 8.48 15.76
C VAL B 197 16.23 9.37 16.97
N SER B 198 16.95 8.86 17.98
CA SER B 198 17.32 9.68 19.13
C SER B 198 18.32 10.73 18.64
N ALA B 199 18.40 11.88 19.34
CA ALA B 199 19.34 12.94 19.00
C ALA B 199 20.80 12.46 19.09
N THR B 200 21.12 11.60 20.10
CA THR B 200 22.48 11.08 20.28
C THR B 200 22.89 10.19 19.10
N PHE B 201 21.95 9.39 18.55
CA PHE B 201 22.18 8.54 17.39
C PHE B 201 22.44 9.39 16.15
N TRP B 202 21.67 10.49 15.95
CA TRP B 202 21.88 11.42 14.84
C TRP B 202 23.19 12.19 15.01
N GLN B 203 23.56 12.57 16.25
CA GLN B 203 24.77 13.36 16.49
C GLN B 203 26.08 12.57 16.39
N ASN B 204 26.01 11.25 16.17
CA ASN B 204 27.22 10.44 16.04
C ASN B 204 27.75 10.56 14.59
N PRO B 205 28.95 11.14 14.35
CA PRO B 205 29.44 11.29 12.96
C PRO B 205 29.84 9.97 12.28
N ARG B 206 29.73 8.84 13.00
CA ARG B 206 30.01 7.48 12.51
C ARG B 206 28.75 6.80 11.97
N ASN B 207 27.55 7.34 12.31
CA ASN B 207 26.26 6.81 11.83
C ASN B 207 25.94 7.36 10.44
N HIS B 208 25.60 6.43 9.53
CA HIS B 208 25.29 6.74 8.13
C HIS B 208 23.81 6.48 7.83
N PHE B 209 23.14 7.48 7.23
CA PHE B 209 21.72 7.43 6.87
C PHE B 209 21.54 7.59 5.38
N ARG B 210 20.72 6.70 4.79
CA ARG B 210 20.47 6.73 3.36
C ARG B 210 19.00 6.40 3.07
N CYS B 211 18.39 7.18 2.19
CA CYS B 211 17.00 7.00 1.73
C CYS B 211 17.16 6.44 0.31
N GLN B 212 16.52 5.32 0.06
CA GLN B 212 16.59 4.63 -1.23
C GLN B 212 15.20 4.54 -1.87
N VAL B 213 15.08 4.98 -3.12
CA VAL B 213 13.82 4.91 -3.85
C VAL B 213 14.01 3.98 -5.06
N GLN B 214 13.45 2.77 -4.97
CA GLN B 214 13.50 1.79 -6.06
C GLN B 214 12.43 2.18 -7.07
N PHE B 215 12.83 2.57 -8.26
CA PHE B 215 11.91 2.96 -9.33
C PHE B 215 11.73 1.82 -10.36
N TYR B 216 10.49 1.54 -10.75
CA TYR B 216 10.19 0.52 -11.76
C TYR B 216 9.76 1.23 -13.02
N GLY B 217 10.55 1.09 -14.07
CA GLY B 217 10.28 1.76 -15.32
C GLY B 217 10.22 0.86 -16.52
N LEU B 218 10.80 1.33 -17.63
CA LEU B 218 10.82 0.60 -18.90
C LEU B 218 11.68 -0.65 -18.82
N SER B 219 11.28 -1.69 -19.58
CA SER B 219 11.99 -2.95 -19.70
C SER B 219 13.05 -2.81 -20.79
N GLU B 220 14.01 -3.75 -20.90
CA GLU B 220 15.06 -3.71 -21.91
C GLU B 220 14.47 -3.78 -23.34
N ASN B 221 13.38 -4.56 -23.53
CA ASN B 221 12.69 -4.73 -24.81
C ASN B 221 11.59 -3.65 -25.03
N ASP B 222 11.91 -2.40 -24.70
CA ASP B 222 11.02 -1.24 -24.90
C ASP B 222 11.74 -0.25 -25.81
N GLU B 223 11.05 0.23 -26.85
CA GLU B 223 11.61 1.18 -27.81
C GLU B 223 11.83 2.55 -27.16
N TRP B 224 13.06 3.08 -27.29
CA TRP B 224 13.42 4.38 -26.73
C TRP B 224 14.08 5.26 -27.79
N THR B 225 13.38 6.34 -28.18
CA THR B 225 13.81 7.31 -29.20
C THR B 225 13.72 8.72 -28.60
N GLN B 226 14.50 8.99 -27.53
CA GLN B 226 14.43 10.29 -26.85
C GLN B 226 15.82 10.84 -26.46
N ASP B 227 15.86 12.17 -26.25
CA ASP B 227 17.01 12.99 -25.89
C ASP B 227 17.74 12.53 -24.61
N ARG B 228 17.01 12.23 -23.53
CA ARG B 228 17.56 11.82 -22.23
C ARG B 228 17.87 10.31 -22.13
N ALA B 229 18.30 9.87 -20.93
CA ALA B 229 18.56 8.47 -20.58
C ALA B 229 17.24 7.69 -20.50
N LYS B 230 17.29 6.39 -20.80
CA LYS B 230 16.11 5.52 -20.77
C LYS B 230 15.65 5.28 -19.32
N PRO B 231 14.41 5.68 -18.96
CA PRO B 231 13.91 5.50 -17.57
C PRO B 231 13.61 4.03 -17.27
N VAL B 232 14.68 3.29 -17.09
CA VAL B 232 14.69 1.87 -16.78
C VAL B 232 14.55 1.71 -15.26
N THR B 233 14.27 0.48 -14.80
CA THR B 233 14.20 0.12 -13.39
C THR B 233 15.55 0.48 -12.77
N GLN B 234 15.55 1.36 -11.76
CA GLN B 234 16.79 1.84 -11.12
C GLN B 234 16.55 2.18 -9.64
N ILE B 235 17.63 2.47 -8.91
CA ILE B 235 17.58 2.87 -7.51
C ILE B 235 18.17 4.27 -7.42
N VAL B 236 17.35 5.24 -7.00
CA VAL B 236 17.76 6.63 -6.79
C VAL B 236 17.88 6.84 -5.27
N SER B 237 19.08 7.25 -4.81
CA SER B 237 19.36 7.40 -3.37
C SER B 237 19.86 8.78 -2.97
N ALA B 238 19.67 9.14 -1.69
CA ALA B 238 20.19 10.37 -1.07
C ALA B 238 20.69 10.01 0.33
N GLU B 239 21.86 10.54 0.72
CA GLU B 239 22.38 10.18 2.02
C GLU B 239 22.87 11.36 2.86
N ALA B 240 23.09 11.07 4.13
CA ALA B 240 23.55 12.03 5.13
C ALA B 240 24.33 11.32 6.22
N TRP B 241 25.44 11.92 6.63
CA TRP B 241 26.20 11.44 7.76
C TRP B 241 25.66 12.14 8.98
N GLY B 242 25.67 11.45 10.12
CA GLY B 242 25.29 12.06 11.39
C GLY B 242 26.23 13.22 11.69
N ARG B 243 25.70 14.35 12.17
CA ARG B 243 26.52 15.52 12.46
C ARG B 243 26.41 15.88 13.93
N ALA B 244 27.57 15.97 14.62
CA ALA B 244 27.70 16.26 16.05
C ALA B 244 27.07 17.59 16.46
C1 PEG C . 4.93 20.14 26.28
O1 PEG C . 5.45 18.88 26.71
C2 PEG C . 3.48 20.06 25.99
O2 PEG C . 3.06 21.20 25.25
C3 PEG C . 1.85 20.96 24.55
C4 PEG C . 1.20 22.25 24.18
O4 PEG C . 1.51 22.66 22.85
P PO4 D . 1.85 4.04 23.89
O1 PO4 D . 2.88 4.60 22.96
O2 PO4 D . 1.13 2.92 23.22
O3 PO4 D . 0.92 5.12 24.29
O4 PO4 D . 2.53 3.43 25.07
C ACT E . 2.94 8.37 22.43
O ACT E . 2.86 9.47 21.85
OXT ACT E . 3.54 7.36 22.03
CH3 ACT E . 2.23 8.20 23.75
C1 EDO F . -23.21 -3.28 7.19
O1 EDO F . -23.49 -4.51 7.83
C2 EDO F . -23.40 -2.06 8.13
O2 EDO F . -22.76 -2.27 9.39
#